data_5ONR
#
_entry.id   5ONR
#
_cell.length_a   92.696
_cell.length_b   92.696
_cell.length_c   129.368
_cell.angle_alpha   90.000
_cell.angle_beta   90.000
_cell.angle_gamma   120.000
#
_symmetry.space_group_name_H-M   'P 61 2 2'
#
loop_
_entity.id
_entity.type
_entity.pdbx_description
1 polymer Thermolysin
2 polymer 'Amyloid-beta A4 protein'
3 non-polymer 'CALCIUM ION'
4 non-polymer 'ZINC ION'
5 non-polymer 'DIMETHYL SULFOXIDE'
6 water water
#
loop_
_entity_poly.entity_id
_entity_poly.type
_entity_poly.pdbx_seq_one_letter_code
_entity_poly.pdbx_strand_id
1 'polypeptide(L)'
;ITGTSTVGVGRGVLGDQKNINTTYSTYYYLQDNTRGNGIFTYDAKYRTTLPGSLWADADNQFFASYDAPAVDAHYYAGVT
YDYYKNVHNRLSYDGNNAAIRSSVHYSQGYNNAFWNGSQMVYGDGDGQTFIPLSGGIDVVAHELTHAVTDYTAGLIYQNE
SGAINEAISDIFGTLVEFYANKNPDWEIGEDVYTPGISGDSLRSMSDPAKYGDPDHYSKRYTGTQDNGGVHINSGIINKA
AYLISQGGTHYGVSVVGIGRDKLGKIFYRALTQYLTPTSNFSQLRAAAVQSATDLYGSTSQEVASVKQAFDAVGVK
;
A
2 'polypeptide(L)' IIG B
#
# COMPACT_ATOMS: atom_id res chain seq x y z
N ILE A 1 -18.21 3.60 -18.11
CA ILE A 1 -19.30 3.95 -19.00
C ILE A 1 -19.06 5.29 -19.70
N THR A 2 -19.85 5.55 -20.73
CA THR A 2 -19.78 6.83 -21.43
C THR A 2 -20.69 7.82 -20.74
N GLY A 3 -20.15 8.97 -20.39
CA GLY A 3 -20.94 9.96 -19.72
C GLY A 3 -20.13 11.21 -19.54
N THR A 4 -20.59 12.08 -18.66
CA THR A 4 -19.89 13.33 -18.40
C THR A 4 -19.35 13.35 -16.99
N SER A 5 -18.15 13.90 -16.83
CA SER A 5 -17.49 13.91 -15.53
C SER A 5 -18.18 14.87 -14.58
N THR A 6 -18.41 14.40 -13.37
CA THR A 6 -19.17 15.11 -12.34
C THR A 6 -18.40 15.01 -11.03
N VAL A 7 -18.84 15.76 -10.02
CA VAL A 7 -18.19 15.76 -8.72
C VAL A 7 -19.28 15.52 -7.68
N GLY A 8 -19.24 14.35 -7.03
CA GLY A 8 -20.13 14.04 -5.94
C GLY A 8 -19.49 14.33 -4.60
N VAL A 9 -20.28 14.12 -3.55
CA VAL A 9 -19.82 14.35 -2.18
C VAL A 9 -20.31 13.21 -1.31
N GLY A 10 -19.48 12.79 -0.36
CA GLY A 10 -19.89 11.69 0.50
C GLY A 10 -19.09 11.70 1.79
N ARG A 11 -19.32 10.66 2.59
CA ARG A 11 -18.59 10.42 3.82
C ARG A 11 -17.92 9.06 3.73
N GLY A 12 -16.67 9.00 4.20
CA GLY A 12 -15.93 7.76 4.22
C GLY A 12 -16.18 6.96 5.49
N VAL A 13 -15.42 5.88 5.62
CA VAL A 13 -15.61 4.91 6.69
C VAL A 13 -15.47 5.56 8.07
N LEU A 14 -14.55 6.50 8.21
CA LEU A 14 -14.32 7.18 9.49
C LEU A 14 -15.20 8.41 9.69
N GLY A 15 -16.15 8.65 8.79
CA GLY A 15 -17.09 9.73 8.96
C GLY A 15 -16.64 11.06 8.40
N ASP A 16 -15.57 11.09 7.63
CA ASP A 16 -15.02 12.31 7.07
C ASP A 16 -15.64 12.61 5.70
N GLN A 17 -15.98 13.87 5.46
CA GLN A 17 -16.61 14.26 4.20
C GLN A 17 -15.53 14.53 3.16
N LYS A 18 -15.78 14.10 1.92
CA LYS A 18 -14.84 14.34 0.85
C LYS A 18 -15.58 14.35 -0.48
N ASN A 19 -15.06 15.11 -1.43
CA ASN A 19 -15.59 15.11 -2.79
C ASN A 19 -14.98 13.95 -3.55
N ILE A 20 -15.77 13.39 -4.48
CA ILE A 20 -15.31 12.27 -5.29
C ILE A 20 -15.67 12.54 -6.74
N ASN A 21 -14.78 12.10 -7.63
CA ASN A 21 -14.99 12.25 -9.07
C ASN A 21 -15.90 11.15 -9.57
N THR A 22 -17.02 11.52 -10.17
CA THR A 22 -18.02 10.58 -10.63
C THR A 22 -18.28 10.80 -12.12
N THR A 23 -19.14 9.96 -12.69
CA THR A 23 -19.55 10.09 -14.08
C THR A 23 -21.06 9.99 -14.14
N TYR A 24 -21.70 10.91 -14.87
CA TYR A 24 -23.16 10.93 -14.97
C TYR A 24 -23.62 10.35 -16.30
N SER A 25 -24.45 9.31 -16.22
CA SER A 25 -25.19 8.79 -17.38
C SER A 25 -26.38 8.05 -16.78
N THR A 26 -27.52 8.75 -16.69
CA THR A 26 -28.72 8.31 -15.97
C THR A 26 -28.50 8.24 -14.46
N TYR A 27 -27.51 7.46 -14.04
CA TYR A 27 -27.04 7.39 -12.66
C TYR A 27 -25.69 8.10 -12.57
N TYR A 28 -25.27 8.36 -11.34
CA TYR A 28 -23.93 8.85 -11.04
C TYR A 28 -23.08 7.65 -10.63
N TYR A 29 -22.02 7.38 -11.39
CA TYR A 29 -21.19 6.22 -11.15
C TYR A 29 -19.88 6.63 -10.50
N LEU A 30 -19.35 5.74 -9.66
CA LEU A 30 -18.00 5.92 -9.10
C LEU A 30 -17.01 5.59 -10.21
N GLN A 31 -16.84 6.55 -11.11
CA GLN A 31 -15.92 6.46 -12.24
C GLN A 31 -15.28 7.83 -12.32
N ASP A 32 -13.98 7.89 -12.00
CA ASP A 32 -13.20 9.11 -11.98
C ASP A 32 -12.45 9.18 -13.30
N ASN A 33 -12.84 10.10 -14.18
CA ASN A 33 -12.19 10.22 -15.48
C ASN A 33 -11.00 11.16 -15.45
N THR A 34 -10.69 11.78 -14.31
CA THR A 34 -9.64 12.80 -14.28
C THR A 34 -8.25 12.20 -14.13
N ARG A 35 -8.13 10.89 -13.93
CA ARG A 35 -6.85 10.25 -13.65
C ARG A 35 -6.66 9.09 -14.61
N GLY A 36 -5.71 9.25 -15.53
CA GLY A 36 -5.38 8.19 -16.48
C GLY A 36 -6.58 7.75 -17.28
N ASN A 37 -6.69 6.43 -17.47
CA ASN A 37 -7.83 5.83 -18.14
C ASN A 37 -8.96 5.51 -17.17
N GLY A 38 -8.94 6.09 -15.99
CA GLY A 38 -10.09 6.04 -15.12
C GLY A 38 -9.82 5.26 -13.85
N ILE A 39 -10.53 5.64 -12.79
CA ILE A 39 -10.61 4.88 -11.54
C ILE A 39 -12.08 4.50 -11.37
N PHE A 40 -12.33 3.20 -11.22
CA PHE A 40 -13.66 2.62 -11.24
C PHE A 40 -13.84 1.83 -9.96
N THR A 41 -14.92 2.07 -9.24
CA THR A 41 -15.20 1.39 -7.98
C THR A 41 -16.52 0.64 -8.08
N TYR A 42 -16.51 -0.61 -7.60
CA TYR A 42 -17.59 -1.55 -7.82
C TYR A 42 -18.17 -2.04 -6.50
N ASP A 43 -19.43 -2.47 -6.55
CA ASP A 43 -20.13 -3.08 -5.42
C ASP A 43 -20.11 -4.59 -5.61
N ALA A 44 -19.46 -5.30 -4.68
CA ALA A 44 -19.49 -6.76 -4.68
C ALA A 44 -20.70 -7.34 -3.94
N LYS A 45 -21.47 -6.49 -3.25
CA LYS A 45 -22.79 -6.85 -2.70
C LYS A 45 -22.75 -8.02 -1.74
N TYR A 46 -21.68 -8.11 -0.97
CA TYR A 46 -21.46 -9.15 0.03
C TYR A 46 -21.17 -10.51 -0.57
N ARG A 47 -21.00 -10.60 -1.90
CA ARG A 47 -20.66 -11.85 -2.54
C ARG A 47 -19.18 -11.83 -2.91
N THR A 48 -18.72 -12.90 -3.57
CA THR A 48 -17.32 -13.04 -3.93
C THR A 48 -17.09 -13.03 -5.43
N THR A 49 -18.13 -12.76 -6.21
N THR A 49 -18.13 -12.74 -6.22
CA THR A 49 -17.97 -12.60 -7.64
CA THR A 49 -17.95 -12.65 -7.66
C THR A 49 -17.36 -11.23 -7.91
C THR A 49 -17.46 -11.26 -8.04
N LEU A 50 -16.37 -11.20 -8.79
CA LEU A 50 -15.67 -9.94 -9.06
C LEU A 50 -15.70 -9.58 -10.55
N PRO A 51 -15.79 -8.29 -10.87
CA PRO A 51 -15.71 -7.19 -9.89
C PRO A 51 -17.03 -6.81 -9.22
N GLY A 52 -18.14 -7.34 -9.69
CA GLY A 52 -19.42 -6.87 -9.21
C GLY A 52 -19.97 -5.83 -10.16
N SER A 53 -20.75 -4.90 -9.64
N SER A 53 -20.80 -4.92 -9.67
CA SER A 53 -21.43 -3.90 -10.46
CA SER A 53 -21.42 -3.92 -10.52
C SER A 53 -20.76 -2.54 -10.25
C SER A 53 -20.80 -2.55 -10.26
N LEU A 54 -20.49 -1.84 -11.34
CA LEU A 54 -19.98 -0.48 -11.23
C LEU A 54 -20.93 0.33 -10.35
N TRP A 55 -20.37 1.03 -9.37
CA TRP A 55 -21.19 1.62 -8.32
C TRP A 55 -22.03 2.75 -8.87
N ALA A 56 -23.36 2.61 -8.77
CA ALA A 56 -24.30 3.57 -9.31
C ALA A 56 -25.08 4.21 -8.17
N ASP A 57 -25.32 5.52 -8.27
CA ASP A 57 -26.00 6.27 -7.23
C ASP A 57 -26.93 7.27 -7.90
N ALA A 58 -28.14 7.40 -7.34
CA ALA A 58 -29.17 8.19 -8.00
C ALA A 58 -28.87 9.69 -7.97
N ASP A 59 -28.24 10.18 -6.90
CA ASP A 59 -28.19 11.62 -6.68
C ASP A 59 -26.81 12.23 -6.50
N ASN A 60 -25.74 11.45 -6.65
CA ASN A 60 -24.37 11.97 -6.54
C ASN A 60 -24.01 12.35 -5.10
N GLN A 61 -24.78 11.88 -4.12
CA GLN A 61 -24.49 12.10 -2.71
C GLN A 61 -24.26 10.73 -2.07
N PHE A 62 -23.15 10.58 -1.35
CA PHE A 62 -22.74 9.26 -0.89
C PHE A 62 -22.57 9.27 0.63
N PHE A 63 -23.67 9.51 1.36
CA PHE A 63 -23.63 9.63 2.82
C PHE A 63 -24.25 8.44 3.54
N ALA A 64 -24.69 7.41 2.82
CA ALA A 64 -25.25 6.24 3.49
C ALA A 64 -24.12 5.39 4.05
N SER A 65 -24.40 4.72 5.16
CA SER A 65 -23.40 3.81 5.74
C SER A 65 -22.88 2.84 4.69
N TYR A 66 -23.77 2.32 3.84
CA TYR A 66 -23.37 1.35 2.80
C TYR A 66 -22.43 1.98 1.77
N ASP A 67 -22.49 3.30 1.60
CA ASP A 67 -21.66 4.01 0.64
C ASP A 67 -20.24 4.21 1.13
N ALA A 68 -20.03 4.27 2.46
CA ALA A 68 -18.75 4.72 3.00
C ALA A 68 -17.54 3.95 2.49
N PRO A 69 -17.54 2.61 2.47
CA PRO A 69 -16.35 1.91 1.95
C PRO A 69 -16.06 2.21 0.50
N ALA A 70 -17.09 2.46 -0.30
CA ALA A 70 -16.89 2.80 -1.70
C ALA A 70 -16.28 4.19 -1.84
N VAL A 71 -16.77 5.14 -1.06
CA VAL A 71 -16.22 6.50 -1.07
C VAL A 71 -14.71 6.45 -0.84
N ASP A 72 -14.29 5.70 0.17
CA ASP A 72 -12.87 5.70 0.54
C ASP A 72 -12.03 4.89 -0.46
N ALA A 73 -12.51 3.74 -0.94
CA ALA A 73 -11.76 3.01 -1.95
C ALA A 73 -11.52 3.88 -3.16
N HIS A 74 -12.55 4.61 -3.57
CA HIS A 74 -12.46 5.44 -4.77
C HIS A 74 -11.52 6.61 -4.52
N TYR A 75 -11.69 7.30 -3.39
CA TYR A 75 -10.92 8.51 -3.13
C TYR A 75 -9.44 8.17 -2.88
N TYR A 76 -9.18 7.17 -2.06
CA TYR A 76 -7.79 6.82 -1.75
C TYR A 76 -7.07 6.19 -2.94
N ALA A 77 -7.81 5.55 -3.86
CA ALA A 77 -7.16 5.13 -5.11
C ALA A 77 -6.70 6.35 -5.88
N GLY A 78 -7.49 7.42 -5.87
CA GLY A 78 -7.05 8.66 -6.50
C GLY A 78 -5.81 9.25 -5.85
N VAL A 79 -5.77 9.26 -4.52
CA VAL A 79 -4.58 9.77 -3.83
C VAL A 79 -3.35 8.96 -4.22
N THR A 80 -3.49 7.64 -4.25
CA THR A 80 -2.37 6.78 -4.59
C THR A 80 -1.92 7.02 -6.02
N TYR A 81 -2.86 7.17 -6.96
CA TYR A 81 -2.51 7.52 -8.33
C TYR A 81 -1.73 8.83 -8.37
N ASP A 82 -2.19 9.84 -7.62
CA ASP A 82 -1.49 11.12 -7.59
C ASP A 82 -0.07 10.97 -7.05
N TYR A 83 0.10 10.18 -5.99
CA TYR A 83 1.44 9.97 -5.44
C TYR A 83 2.39 9.42 -6.50
N TYR A 84 1.98 8.33 -7.18
CA TYR A 84 2.88 7.72 -8.15
C TYR A 84 3.17 8.65 -9.32
N LYS A 85 2.16 9.38 -9.78
CA LYS A 85 2.35 10.31 -10.89
C LYS A 85 3.20 11.50 -10.48
N ASN A 86 2.84 12.16 -9.38
CA ASN A 86 3.52 13.39 -9.00
C ASN A 86 4.90 13.12 -8.42
N VAL A 87 5.06 12.02 -7.70
CA VAL A 87 6.32 11.79 -6.99
C VAL A 87 7.32 11.00 -7.83
N HIS A 88 6.84 10.01 -8.60
CA HIS A 88 7.71 9.09 -9.32
C HIS A 88 7.53 9.13 -10.83
N ASN A 89 6.68 10.03 -11.33
CA ASN A 89 6.43 10.14 -12.76
C ASN A 89 5.92 8.82 -13.33
N ARG A 90 5.11 8.10 -12.55
CA ARG A 90 4.55 6.83 -12.95
C ARG A 90 3.04 6.98 -13.13
N LEU A 91 2.56 6.63 -14.33
CA LEU A 91 1.16 6.79 -14.70
C LEU A 91 0.44 5.47 -14.47
N SER A 92 -0.29 5.40 -13.35
CA SER A 92 -0.96 4.19 -12.90
C SER A 92 0.01 3.04 -12.63
N TYR A 93 -0.54 1.85 -12.37
CA TYR A 93 0.31 0.76 -11.90
C TYR A 93 1.17 0.17 -13.01
N ASP A 94 0.74 0.25 -14.26
CA ASP A 94 1.51 -0.28 -15.38
C ASP A 94 2.40 0.77 -16.03
N GLY A 95 2.35 2.01 -15.56
CA GLY A 95 3.11 3.08 -16.20
C GLY A 95 2.49 3.59 -17.48
N ASN A 96 1.36 3.04 -17.91
CA ASN A 96 0.67 3.48 -19.12
CA ASN A 96 0.66 3.45 -19.13
C ASN A 96 -0.78 3.82 -18.85
N ASN A 97 -1.07 4.29 -17.63
CA ASN A 97 -2.39 4.79 -17.25
C ASN A 97 -3.49 3.71 -17.26
N ALA A 98 -3.15 2.47 -16.92
CA ALA A 98 -4.17 1.42 -16.84
C ALA A 98 -5.31 1.85 -15.91
N ALA A 99 -6.52 1.47 -16.27
CA ALA A 99 -7.68 1.73 -15.41
C ALA A 99 -7.48 1.02 -14.07
N ILE A 100 -7.85 1.71 -13.00
CA ILE A 100 -7.72 1.19 -11.64
C ILE A 100 -9.10 0.79 -11.16
N ARG A 101 -9.28 -0.49 -10.84
CA ARG A 101 -10.56 -1.03 -10.43
C ARG A 101 -10.51 -1.53 -8.99
N SER A 102 -11.54 -1.22 -8.20
CA SER A 102 -11.65 -1.68 -6.84
C SER A 102 -13.07 -2.18 -6.60
N SER A 103 -13.21 -3.26 -5.83
CA SER A 103 -14.51 -3.73 -5.38
C SER A 103 -14.59 -3.68 -3.86
N VAL A 104 -15.71 -3.19 -3.34
CA VAL A 104 -15.95 -3.14 -1.90
C VAL A 104 -17.15 -4.02 -1.56
N HIS A 105 -17.38 -4.19 -0.26
CA HIS A 105 -18.41 -5.12 0.22
C HIS A 105 -18.14 -6.54 -0.26
N TYR A 106 -16.87 -6.94 -0.30
CA TYR A 106 -16.51 -8.29 -0.71
C TYR A 106 -16.80 -9.27 0.40
N SER A 107 -17.61 -10.30 0.10
CA SER A 107 -18.00 -11.33 1.07
C SER A 107 -18.73 -10.77 2.28
N GLN A 108 -18.83 -11.55 3.35
CA GLN A 108 -19.48 -11.15 4.59
C GLN A 108 -18.47 -11.23 5.72
N GLY A 109 -18.33 -10.12 6.45
CA GLY A 109 -17.43 -10.06 7.59
C GLY A 109 -15.99 -10.35 7.25
N TYR A 110 -15.56 -9.93 6.06
CA TYR A 110 -14.28 -10.37 5.50
C TYR A 110 -13.17 -9.48 6.05
N ASN A 111 -12.27 -10.08 6.84
CA ASN A 111 -11.21 -9.35 7.54
C ASN A 111 -9.95 -9.24 6.70
N ASN A 112 -10.05 -8.74 5.47
CA ASN A 112 -8.87 -8.56 4.65
C ASN A 112 -9.18 -7.69 3.44
N ALA A 113 -8.13 -7.37 2.71
CA ALA A 113 -8.19 -6.69 1.42
C ALA A 113 -7.03 -7.23 0.61
N PHE A 114 -7.13 -7.13 -0.71
CA PHE A 114 -6.08 -7.72 -1.54
C PHE A 114 -6.13 -7.18 -2.95
N TRP A 115 -5.02 -7.38 -3.65
CA TRP A 115 -4.94 -7.24 -5.10
C TRP A 115 -4.96 -8.64 -5.70
N ASN A 116 -5.86 -8.89 -6.65
CA ASN A 116 -6.10 -10.24 -7.15
C ASN A 116 -5.42 -10.50 -8.48
N GLY A 117 -4.48 -9.64 -8.89
CA GLY A 117 -3.86 -9.72 -10.20
C GLY A 117 -4.50 -8.81 -11.23
N SER A 118 -5.72 -8.33 -10.97
CA SER A 118 -6.45 -7.46 -11.88
C SER A 118 -7.08 -6.24 -11.20
N GLN A 119 -7.34 -6.31 -9.89
CA GLN A 119 -8.07 -5.23 -9.23
C GLN A 119 -7.85 -5.33 -7.73
N MET A 120 -8.21 -4.26 -7.03
CA MET A 120 -8.23 -4.25 -5.57
C MET A 120 -9.58 -4.71 -5.05
N VAL A 121 -9.57 -5.37 -3.89
CA VAL A 121 -10.75 -5.98 -3.29
C VAL A 121 -10.70 -5.70 -1.80
N TYR A 122 -11.82 -5.24 -1.23
CA TYR A 122 -11.89 -4.83 0.18
C TYR A 122 -13.05 -5.51 0.88
N GLY A 123 -12.77 -6.23 1.96
CA GLY A 123 -13.80 -6.69 2.86
C GLY A 123 -14.33 -5.55 3.71
N ASP A 124 -15.45 -5.82 4.36
CA ASP A 124 -16.04 -4.91 5.34
C ASP A 124 -15.51 -5.13 6.74
N GLY A 125 -14.78 -6.20 6.98
CA GLY A 125 -14.42 -6.57 8.34
C GLY A 125 -15.61 -7.16 9.05
N ASP A 126 -15.36 -7.80 10.19
CA ASP A 126 -16.45 -8.33 11.01
C ASP A 126 -16.90 -7.35 12.08
N GLY A 127 -16.38 -6.14 12.08
CA GLY A 127 -16.73 -5.14 13.04
C GLY A 127 -15.92 -5.21 14.32
N GLN A 128 -15.21 -6.31 14.56
CA GLN A 128 -14.39 -6.49 15.74
C GLN A 128 -12.90 -6.45 15.42
N THR A 129 -12.45 -7.30 14.49
CA THR A 129 -11.08 -7.25 14.05
C THR A 129 -10.84 -6.06 13.12
N PHE A 130 -11.79 -5.77 12.23
CA PHE A 130 -11.64 -4.71 11.24
C PHE A 130 -12.99 -4.03 11.03
N ILE A 131 -12.93 -2.75 10.68
CA ILE A 131 -14.04 -2.06 10.03
C ILE A 131 -13.69 -2.03 8.55
N PRO A 132 -14.55 -1.55 7.64
CA PRO A 132 -14.26 -1.70 6.20
C PRO A 132 -12.88 -1.21 5.81
N LEU A 133 -12.13 -2.07 5.14
CA LEU A 133 -10.68 -1.90 5.11
C LEU A 133 -10.24 -0.75 4.20
N SER A 134 -11.08 -0.33 3.26
CA SER A 134 -10.73 0.81 2.43
C SER A 134 -10.67 2.11 3.24
N GLY A 135 -11.08 2.11 4.51
CA GLY A 135 -10.92 3.29 5.34
C GLY A 135 -9.48 3.64 5.65
N GLY A 136 -8.53 2.76 5.35
CA GLY A 136 -7.13 3.00 5.63
C GLY A 136 -6.39 3.36 4.35
N ILE A 137 -5.89 4.60 4.30
CA ILE A 137 -5.16 5.03 3.10
C ILE A 137 -3.93 4.16 2.89
N ASP A 138 -3.24 3.80 3.98
CA ASP A 138 -2.07 2.92 3.86
C ASP A 138 -2.48 1.54 3.32
N VAL A 139 -3.67 1.06 3.70
CA VAL A 139 -4.16 -0.21 3.18
C VAL A 139 -4.42 -0.11 1.69
N VAL A 140 -5.14 0.93 1.26
CA VAL A 140 -5.43 1.10 -0.17
C VAL A 140 -4.15 1.19 -0.98
N ALA A 141 -3.19 2.00 -0.51
CA ALA A 141 -1.95 2.16 -1.24
C ALA A 141 -1.08 0.89 -1.20
N HIS A 142 -1.13 0.15 -0.08
CA HIS A 142 -0.47 -1.15 0.00
C HIS A 142 -0.96 -2.07 -1.10
N GLU A 143 -2.28 -2.15 -1.28
CA GLU A 143 -2.82 -3.06 -2.28
C GLU A 143 -2.48 -2.60 -3.69
N LEU A 144 -2.63 -1.30 -3.97
CA LEU A 144 -2.31 -0.84 -5.31
C LEU A 144 -0.82 -1.00 -5.61
N THR A 145 0.02 -0.90 -4.58
CA THR A 145 1.44 -1.12 -4.78
C THR A 145 1.75 -2.54 -5.22
N HIS A 146 0.94 -3.54 -4.81
CA HIS A 146 1.15 -4.89 -5.33
C HIS A 146 1.03 -4.93 -6.84
N ALA A 147 0.14 -4.10 -7.39
CA ALA A 147 0.00 -4.00 -8.83
C ALA A 147 1.25 -3.40 -9.46
N VAL A 148 1.80 -2.35 -8.84
CA VAL A 148 3.07 -1.79 -9.30
C VAL A 148 4.16 -2.85 -9.31
N THR A 149 4.28 -3.59 -8.22
CA THR A 149 5.27 -4.66 -8.14
C THR A 149 5.03 -5.70 -9.22
N ASP A 150 3.77 -6.08 -9.45
CA ASP A 150 3.46 -7.09 -10.45
C ASP A 150 3.97 -6.69 -11.82
N TYR A 151 3.90 -5.40 -12.14
CA TYR A 151 4.29 -4.93 -13.46
C TYR A 151 5.77 -4.57 -13.56
N THR A 152 6.49 -4.60 -12.44
CA THR A 152 7.88 -4.16 -12.42
C THR A 152 8.74 -5.32 -11.95
N ALA A 153 9.17 -5.32 -10.69
CA ALA A 153 10.07 -6.35 -10.20
C ALA A 153 9.45 -7.75 -10.29
N GLY A 154 8.15 -7.86 -10.03
CA GLY A 154 7.51 -9.16 -10.15
C GLY A 154 7.88 -10.14 -9.07
N LEU A 155 8.24 -9.66 -7.89
CA LEU A 155 8.70 -10.48 -6.78
C LEU A 155 7.72 -11.61 -6.48
N ILE A 156 8.20 -12.85 -6.58
CA ILE A 156 7.38 -14.02 -6.33
C ILE A 156 6.88 -13.98 -4.89
N TYR A 157 5.61 -14.31 -4.70
CA TYR A 157 4.94 -14.08 -3.40
C TYR A 157 5.19 -15.25 -2.44
N GLN A 158 6.46 -15.47 -2.11
CA GLN A 158 6.84 -16.53 -1.20
C GLN A 158 8.24 -16.28 -0.69
N ASN A 159 8.49 -16.69 0.55
CA ASN A 159 9.84 -16.69 1.14
C ASN A 159 10.41 -15.26 1.10
N GLU A 160 11.70 -15.08 0.83
CA GLU A 160 12.28 -13.74 0.96
C GLU A 160 11.79 -12.80 -0.13
N SER A 161 11.65 -13.27 -1.36
CA SER A 161 11.12 -12.37 -2.38
C SER A 161 9.72 -11.90 -2.04
N GLY A 162 8.90 -12.78 -1.45
CA GLY A 162 7.57 -12.39 -1.06
C GLY A 162 7.56 -11.44 0.13
N ALA A 163 8.51 -11.59 1.03
CA ALA A 163 8.63 -10.64 2.13
C ALA A 163 9.05 -9.27 1.62
N ILE A 164 9.93 -9.22 0.60
CA ILE A 164 10.23 -7.95 -0.04
C ILE A 164 8.98 -7.37 -0.68
N ASN A 165 8.22 -8.21 -1.39
CA ASN A 165 6.98 -7.79 -2.01
C ASN A 165 6.07 -7.10 -1.00
N GLU A 166 5.86 -7.76 0.15
CA GLU A 166 5.04 -7.19 1.21
C GLU A 166 5.62 -5.89 1.75
N ALA A 167 6.94 -5.89 1.98
CA ALA A 167 7.56 -4.69 2.53
C ALA A 167 7.43 -3.51 1.57
N ILE A 168 7.61 -3.77 0.27
CA ILE A 168 7.41 -2.72 -0.74
C ILE A 168 6.01 -2.12 -0.61
N SER A 169 4.99 -2.96 -0.44
CA SER A 169 3.64 -2.46 -0.27
C SER A 169 3.45 -1.70 1.04
N ASP A 170 4.11 -2.14 2.12
CA ASP A 170 4.02 -1.39 3.38
C ASP A 170 4.76 -0.06 3.29
N ILE A 171 5.93 -0.06 2.64
CA ILE A 171 6.73 1.15 2.50
C ILE A 171 5.96 2.19 1.70
N PHE A 172 5.47 1.82 0.51
CA PHE A 172 4.75 2.81 -0.28
C PHE A 172 3.36 3.10 0.26
N GLY A 173 2.72 2.13 0.92
CA GLY A 173 1.50 2.46 1.62
C GLY A 173 1.71 3.56 2.64
N THR A 174 2.83 3.48 3.38
CA THR A 174 3.13 4.51 4.36
C THR A 174 3.54 5.82 3.70
N LEU A 175 4.34 5.76 2.63
CA LEU A 175 4.73 6.99 1.96
C LEU A 175 3.53 7.69 1.34
N VAL A 176 2.55 6.93 0.83
CA VAL A 176 1.30 7.55 0.38
C VAL A 176 0.56 8.18 1.55
N GLU A 177 0.49 7.47 2.68
CA GLU A 177 -0.14 8.05 3.87
C GLU A 177 0.50 9.38 4.24
N PHE A 178 1.84 9.46 4.19
CA PHE A 178 2.50 10.73 4.49
C PHE A 178 2.22 11.78 3.41
N TYR A 179 2.13 11.34 2.15
CA TYR A 179 1.86 12.26 1.06
C TYR A 179 0.51 12.93 1.22
N ALA A 180 -0.50 12.18 1.66
CA ALA A 180 -1.80 12.79 1.93
C ALA A 180 -1.75 13.65 3.18
N ASN A 181 -0.90 13.28 4.13
CA ASN A 181 -0.56 14.13 5.27
C ASN A 181 -1.77 14.43 6.16
N LYS A 182 -2.63 13.43 6.33
CA LYS A 182 -3.71 13.61 7.30
C LYS A 182 -3.21 13.25 8.69
N ASN A 183 -3.19 11.96 9.01
CA ASN A 183 -2.66 11.48 10.29
C ASN A 183 -1.60 10.42 10.02
N PRO A 184 -0.46 10.81 9.47
CA PRO A 184 0.50 9.80 8.99
C PRO A 184 1.35 9.25 10.11
N ASP A 185 1.75 8.00 9.93
CA ASP A 185 2.59 7.30 10.89
C ASP A 185 3.32 6.19 10.15
N TRP A 186 4.14 5.45 10.90
CA TRP A 186 4.88 4.31 10.39
C TRP A 186 4.24 2.98 10.78
N GLU A 187 2.94 3.01 11.09
CA GLU A 187 2.16 1.82 11.38
C GLU A 187 1.28 1.47 10.18
N ILE A 188 0.82 0.23 10.14
CA ILE A 188 0.03 -0.29 9.02
C ILE A 188 -1.38 -0.63 9.50
N GLY A 189 -2.38 0.05 8.93
CA GLY A 189 -3.77 -0.33 9.14
C GLY A 189 -4.41 0.17 10.40
N GLU A 190 -3.77 1.09 11.11
CA GLU A 190 -4.31 1.56 12.38
C GLU A 190 -5.70 2.15 12.25
N ASP A 191 -6.05 2.71 11.08
CA ASP A 191 -7.35 3.38 10.97
C ASP A 191 -8.52 2.42 10.86
N VAL A 192 -8.27 1.15 10.52
CA VAL A 192 -9.34 0.19 10.31
C VAL A 192 -9.25 -1.03 11.21
N TYR A 193 -8.17 -1.18 11.99
CA TYR A 193 -7.94 -2.35 12.81
C TYR A 193 -8.54 -2.14 14.20
N THR A 194 -9.25 -3.17 14.70
CA THR A 194 -9.80 -3.25 16.06
C THR A 194 -10.41 -1.95 16.55
N PRO A 195 -11.63 -1.62 16.13
CA PRO A 195 -12.26 -0.38 16.60
C PRO A 195 -12.41 -0.29 18.10
N GLY A 196 -12.41 -1.41 18.82
CA GLY A 196 -12.51 -1.37 20.26
C GLY A 196 -11.22 -1.20 21.02
N ILE A 197 -10.08 -1.17 20.33
CA ILE A 197 -8.76 -1.06 20.95
C ILE A 197 -8.02 0.12 20.34
N SER A 198 -7.67 1.09 21.17
CA SER A 198 -6.95 2.25 20.68
C SER A 198 -5.45 1.99 20.69
N GLY A 199 -4.75 2.61 19.74
CA GLY A 199 -3.30 2.63 19.76
C GLY A 199 -2.59 1.47 19.09
N ASP A 200 -3.32 0.50 18.54
CA ASP A 200 -2.69 -0.66 17.92
C ASP A 200 -2.74 -0.55 16.39
N SER A 201 -2.18 -1.55 15.72
CA SER A 201 -2.22 -1.64 14.27
C SER A 201 -1.85 -3.07 13.89
N LEU A 202 -1.85 -3.33 12.58
CA LEU A 202 -1.54 -4.67 12.09
C LEU A 202 -0.05 -4.95 12.15
N ARG A 203 0.76 -3.96 11.80
CA ARG A 203 2.20 -4.09 11.78
C ARG A 203 2.78 -2.72 12.09
N SER A 204 4.02 -2.73 12.57
CA SER A 204 4.75 -1.49 12.79
C SER A 204 6.05 -1.55 12.01
N MET A 205 6.33 -0.49 11.25
CA MET A 205 7.60 -0.44 10.55
C MET A 205 8.70 0.08 11.45
N SER A 206 8.34 0.95 12.39
CA SER A 206 9.32 1.54 13.30
C SER A 206 9.77 0.54 14.36
N ASP A 207 8.89 -0.36 14.77
CA ASP A 207 9.23 -1.40 15.75
C ASP A 207 8.41 -2.64 15.42
N PRO A 208 8.81 -3.40 14.40
CA PRO A 208 8.05 -4.60 14.02
C PRO A 208 7.82 -5.58 15.15
N ALA A 209 8.71 -5.61 16.15
CA ALA A 209 8.57 -6.56 17.23
C ALA A 209 7.37 -6.25 18.12
N LYS A 210 6.84 -5.03 18.05
CA LYS A 210 5.68 -4.67 18.86
C LYS A 210 4.51 -5.61 18.59
N TYR A 211 4.41 -6.13 17.36
CA TYR A 211 3.36 -7.06 16.97
C TYR A 211 3.92 -8.44 16.59
N GLY A 212 5.06 -8.81 17.18
CA GLY A 212 5.62 -10.13 17.01
C GLY A 212 6.38 -10.37 15.73
N ASP A 213 6.69 -9.32 14.96
CA ASP A 213 7.40 -9.53 13.72
C ASP A 213 8.90 -9.30 13.91
N PRO A 214 9.73 -10.00 13.15
CA PRO A 214 11.18 -9.86 13.31
C PRO A 214 11.68 -8.49 12.86
N ASP A 215 12.70 -8.01 13.56
CA ASP A 215 13.37 -6.75 13.22
C ASP A 215 14.84 -6.98 12.94
N HIS A 216 15.24 -8.23 12.74
CA HIS A 216 16.63 -8.59 12.45
C HIS A 216 16.60 -9.93 11.71
N TYR A 217 17.53 -10.09 10.77
CA TYR A 217 17.56 -11.29 9.95
C TYR A 217 17.74 -12.56 10.78
N SER A 218 18.44 -12.47 11.92
CA SER A 218 18.62 -13.64 12.77
C SER A 218 17.30 -14.13 13.37
N LYS A 219 16.24 -13.31 13.31
CA LYS A 219 14.93 -13.66 13.86
C LYS A 219 13.91 -13.97 12.77
N ARG A 220 14.38 -14.19 11.55
CA ARG A 220 13.47 -14.46 10.45
C ARG A 220 12.73 -15.77 10.66
N TYR A 221 11.50 -15.80 10.17
CA TYR A 221 10.68 -17.00 10.18
C TYR A 221 11.02 -17.87 8.96
N THR A 222 11.16 -19.17 9.21
CA THR A 222 11.60 -20.10 8.17
C THR A 222 10.58 -21.21 7.90
N GLY A 223 9.41 -21.17 8.55
CA GLY A 223 8.39 -22.18 8.34
C GLY A 223 7.57 -21.90 7.08
N THR A 224 6.44 -22.60 7.00
CA THR A 224 5.63 -22.61 5.79
C THR A 224 4.39 -21.72 5.86
N GLN A 225 3.99 -21.28 7.06
CA GLN A 225 2.79 -20.47 7.16
C GLN A 225 2.99 -19.14 6.43
N ASP A 226 1.87 -18.57 5.96
CA ASP A 226 1.88 -17.22 5.39
C ASP A 226 2.85 -17.14 4.20
N ASN A 227 2.80 -18.16 3.34
CA ASN A 227 3.69 -18.24 2.17
C ASN A 227 5.16 -18.11 2.57
N GLY A 228 5.50 -18.73 3.70
CA GLY A 228 6.85 -18.61 4.19
C GLY A 228 7.11 -17.31 4.92
N GLY A 229 6.08 -16.73 5.54
CA GLY A 229 6.24 -15.57 6.39
C GLY A 229 6.30 -14.24 5.68
N VAL A 230 5.55 -14.07 4.58
CA VAL A 230 5.72 -12.84 3.80
C VAL A 230 5.28 -11.62 4.58
N HIS A 231 4.26 -11.74 5.45
CA HIS A 231 3.80 -10.65 6.29
C HIS A 231 4.54 -10.59 7.63
N ILE A 232 5.48 -11.49 7.85
CA ILE A 232 6.25 -11.60 9.09
C ILE A 232 7.66 -11.09 8.81
N ASN A 233 8.36 -11.75 7.89
CA ASN A 233 9.70 -11.30 7.57
C ASN A 233 9.73 -9.95 6.87
N SER A 234 8.59 -9.44 6.41
CA SER A 234 8.56 -8.07 5.91
C SER A 234 9.04 -7.09 6.98
N GLY A 235 8.93 -7.44 8.26
CA GLY A 235 9.37 -6.53 9.31
C GLY A 235 10.85 -6.24 9.25
N ILE A 236 11.64 -7.17 8.74
CA ILE A 236 13.08 -6.97 8.62
C ILE A 236 13.36 -5.86 7.62
N ILE A 237 12.68 -5.91 6.47
CA ILE A 237 12.85 -4.87 5.45
C ILE A 237 12.15 -3.57 5.85
N ASN A 238 10.95 -3.66 6.44
CA ASN A 238 10.27 -2.47 6.93
C ASN A 238 11.14 -1.70 7.92
N LYS A 239 11.81 -2.41 8.82
CA LYS A 239 12.67 -1.74 9.79
C LYS A 239 13.84 -1.07 9.09
N ALA A 240 14.43 -1.74 8.10
CA ALA A 240 15.53 -1.12 7.37
C ALA A 240 15.08 0.16 6.67
N ALA A 241 13.90 0.12 6.03
CA ALA A 241 13.39 1.31 5.36
C ALA A 241 13.11 2.42 6.36
N TYR A 242 12.52 2.07 7.50
CA TYR A 242 12.29 3.07 8.55
C TYR A 242 13.61 3.70 8.98
N LEU A 243 14.65 2.87 9.16
CA LEU A 243 15.95 3.38 9.58
C LEU A 243 16.58 4.28 8.52
N ILE A 244 16.49 3.88 7.24
CA ILE A 244 17.01 4.73 6.17
C ILE A 244 16.37 6.11 6.23
N SER A 245 15.06 6.16 6.43
CA SER A 245 14.35 7.43 6.43
C SER A 245 14.59 8.20 7.72
N GLN A 246 14.39 7.55 8.86
CA GLN A 246 14.32 8.26 10.14
C GLN A 246 15.58 8.17 10.96
N GLY A 247 16.45 7.22 10.67
CA GLY A 247 17.65 7.00 11.46
C GLY A 247 17.35 6.35 12.78
N GLY A 248 18.41 6.04 13.50
CA GLY A 248 18.33 5.43 14.81
C GLY A 248 19.46 4.47 15.02
N THR A 249 19.54 3.94 16.24
CA THR A 249 20.51 2.90 16.57
C THR A 249 19.71 1.65 16.91
N HIS A 250 20.07 0.54 16.28
CA HIS A 250 19.29 -0.68 16.32
C HIS A 250 20.27 -1.83 16.47
N TYR A 251 20.11 -2.63 17.53
CA TYR A 251 21.08 -3.65 17.89
C TYR A 251 22.50 -3.09 17.89
N GLY A 252 22.65 -1.84 18.36
CA GLY A 252 23.95 -1.25 18.48
C GLY A 252 24.50 -0.60 17.24
N VAL A 253 23.78 -0.64 16.12
CA VAL A 253 24.25 -0.14 14.83
C VAL A 253 23.53 1.17 14.54
N SER A 254 24.29 2.24 14.33
CA SER A 254 23.72 3.57 14.15
C SER A 254 23.50 3.88 12.68
N VAL A 255 22.33 4.44 12.37
CA VAL A 255 21.95 4.79 11.00
C VAL A 255 21.61 6.28 10.97
N VAL A 256 22.20 6.98 10.02
CA VAL A 256 21.89 8.39 9.79
C VAL A 256 20.70 8.47 8.86
N GLY A 257 19.60 9.06 9.32
CA GLY A 257 18.42 9.17 8.48
C GLY A 257 18.63 10.13 7.33
N ILE A 258 17.96 9.83 6.21
CA ILE A 258 18.00 10.69 5.04
C ILE A 258 16.63 11.19 4.62
N GLY A 259 15.57 10.76 5.30
CA GLY A 259 14.26 11.33 5.06
C GLY A 259 13.41 10.47 4.13
N ARG A 260 12.09 10.73 4.19
CA ARG A 260 11.11 9.90 3.49
C ARG A 260 11.26 10.02 1.98
N ASP A 261 11.49 11.23 1.47
CA ASP A 261 11.54 11.42 0.03
C ASP A 261 12.67 10.62 -0.59
N LYS A 262 13.85 10.66 0.02
CA LYS A 262 14.97 9.91 -0.52
C LYS A 262 14.78 8.40 -0.35
N LEU A 263 14.18 7.96 0.76
CA LEU A 263 13.81 6.56 0.89
C LEU A 263 12.93 6.13 -0.27
N GLY A 264 11.90 6.94 -0.57
CA GLY A 264 11.01 6.60 -1.67
C GLY A 264 11.71 6.57 -3.02
N LYS A 265 12.60 7.53 -3.26
CA LYS A 265 13.33 7.53 -4.52
C LYS A 265 14.21 6.29 -4.64
N ILE A 266 14.90 5.93 -3.56
CA ILE A 266 15.83 4.80 -3.59
C ILE A 266 15.06 3.51 -3.82
N PHE A 267 13.98 3.30 -3.06
CA PHE A 267 13.23 2.06 -3.17
C PHE A 267 12.40 1.99 -4.45
N TYR A 268 11.88 3.13 -4.92
CA TYR A 268 11.22 3.10 -6.22
C TYR A 268 12.18 2.70 -7.34
N ARG A 269 13.41 3.25 -7.31
CA ARG A 269 14.39 2.88 -8.31
C ARG A 269 14.79 1.42 -8.19
N ALA A 270 14.99 0.93 -6.96
CA ALA A 270 15.31 -0.48 -6.78
C ALA A 270 14.20 -1.35 -7.35
N LEU A 271 12.95 -1.01 -7.03
CA LEU A 271 11.81 -1.81 -7.47
C LEU A 271 11.72 -1.88 -8.98
N THR A 272 11.94 -0.75 -9.66
CA THR A 272 11.68 -0.65 -11.09
C THR A 272 12.91 -0.89 -11.97
N GLN A 273 14.12 -0.91 -11.40
CA GLN A 273 15.34 -1.02 -12.20
C GLN A 273 16.25 -2.18 -11.82
N TYR A 274 16.13 -2.74 -10.61
CA TYR A 274 17.12 -3.71 -10.17
C TYR A 274 16.53 -5.00 -9.62
N LEU A 275 15.40 -4.93 -8.94
CA LEU A 275 14.82 -6.13 -8.36
C LEU A 275 14.21 -7.02 -9.46
N THR A 276 14.21 -8.32 -9.19
CA THR A 276 13.71 -9.33 -10.11
C THR A 276 12.76 -10.25 -9.36
N PRO A 277 12.09 -11.17 -10.07
CA PRO A 277 11.13 -12.05 -9.36
C PRO A 277 11.74 -12.85 -8.24
N THR A 278 13.02 -13.20 -8.31
CA THR A 278 13.64 -14.07 -7.31
C THR A 278 14.55 -13.34 -6.33
N SER A 279 14.52 -12.00 -6.30
CA SER A 279 15.44 -11.29 -5.43
C SER A 279 15.26 -11.70 -3.98
N ASN A 280 16.37 -11.97 -3.29
CA ASN A 280 16.34 -12.19 -1.86
C ASN A 280 16.76 -10.92 -1.11
N PHE A 281 16.82 -11.01 0.22
CA PHE A 281 17.14 -9.83 1.03
C PHE A 281 18.52 -9.27 0.70
N SER A 282 19.52 -10.15 0.56
CA SER A 282 20.87 -9.69 0.23
C SER A 282 20.89 -9.00 -1.13
N GLN A 283 20.09 -9.49 -2.07
CA GLN A 283 19.99 -8.85 -3.37
C GLN A 283 19.25 -7.52 -3.31
N LEU A 284 18.24 -7.42 -2.43
CA LEU A 284 17.60 -6.13 -2.21
C LEU A 284 18.59 -5.10 -1.67
N ARG A 285 19.46 -5.50 -0.74
CA ARG A 285 20.46 -4.57 -0.24
C ARG A 285 21.32 -4.06 -1.39
N ALA A 286 21.79 -4.98 -2.25
CA ALA A 286 22.60 -4.57 -3.38
C ALA A 286 21.82 -3.66 -4.32
N ALA A 287 20.55 -3.98 -4.56
CA ALA A 287 19.72 -3.14 -5.41
C ALA A 287 19.55 -1.75 -4.81
N ALA A 288 19.34 -1.67 -3.50
CA ALA A 288 19.17 -0.37 -2.86
C ALA A 288 20.46 0.43 -2.85
N VAL A 289 21.59 -0.23 -2.62
CA VAL A 289 22.88 0.45 -2.68
C VAL A 289 23.13 0.99 -4.07
N GLN A 290 22.84 0.19 -5.11
CA GLN A 290 23.06 0.64 -6.48
C GLN A 290 22.12 1.77 -6.85
N SER A 291 20.87 1.72 -6.36
CA SER A 291 19.92 2.78 -6.64
C SER A 291 20.38 4.09 -6.00
N ALA A 292 20.79 4.02 -4.73
CA ALA A 292 21.29 5.20 -4.04
C ALA A 292 22.53 5.74 -4.75
N THR A 293 23.37 4.84 -5.27
CA THR A 293 24.57 5.27 -5.99
C THR A 293 24.20 6.00 -7.28
N ASP A 294 23.23 5.46 -8.02
CA ASP A 294 22.75 6.13 -9.23
C ASP A 294 22.26 7.54 -8.91
N LEU A 295 21.52 7.69 -7.82
CA LEU A 295 20.82 8.94 -7.55
C LEU A 295 21.67 9.97 -6.83
N TYR A 296 22.62 9.52 -6.00
CA TYR A 296 23.35 10.42 -5.13
C TYR A 296 24.86 10.22 -5.17
N GLY A 297 25.35 9.20 -5.84
CA GLY A 297 26.78 9.00 -5.95
C GLY A 297 27.31 8.03 -4.93
N SER A 298 28.36 7.29 -5.33
CA SER A 298 28.88 6.21 -4.49
C SER A 298 29.46 6.70 -3.16
N THR A 299 29.91 7.95 -3.08
CA THR A 299 30.46 8.49 -1.84
C THR A 299 29.41 9.21 -0.98
N SER A 300 28.15 9.15 -1.36
CA SER A 300 27.13 9.97 -0.72
C SER A 300 26.76 9.41 0.66
N GLN A 301 26.22 10.30 1.50
CA GLN A 301 25.61 9.90 2.76
C GLN A 301 24.48 8.91 2.51
N GLU A 302 23.75 9.09 1.42
CA GLU A 302 22.61 8.23 1.12
C GLU A 302 23.04 6.78 0.98
N VAL A 303 24.12 6.54 0.24
CA VAL A 303 24.64 5.18 0.08
C VAL A 303 25.12 4.64 1.42
N ALA A 304 25.85 5.46 2.18
CA ALA A 304 26.32 5.05 3.50
C ALA A 304 25.18 4.68 4.42
N SER A 305 24.08 5.45 4.38
CA SER A 305 22.94 5.20 5.26
C SER A 305 22.21 3.92 4.86
N VAL A 306 22.10 3.66 3.55
CA VAL A 306 21.48 2.40 3.13
C VAL A 306 22.27 1.22 3.67
N LYS A 307 23.60 1.29 3.61
CA LYS A 307 24.40 0.19 4.12
C LYS A 307 24.24 0.02 5.62
N GLN A 308 24.25 1.14 6.37
CA GLN A 308 24.08 1.08 7.81
C GLN A 308 22.74 0.43 8.18
N ALA A 309 21.68 0.78 7.45
CA ALA A 309 20.35 0.27 7.77
C ALA A 309 20.25 -1.23 7.55
N PHE A 310 20.81 -1.72 6.43
CA PHE A 310 20.79 -3.16 6.21
C PHE A 310 21.73 -3.88 7.17
N ASP A 311 22.88 -3.27 7.50
CA ASP A 311 23.73 -3.80 8.56
C ASP A 311 22.94 -3.96 9.87
N ALA A 312 22.13 -2.95 10.20
CA ALA A 312 21.43 -2.95 11.48
C ALA A 312 20.44 -4.10 11.58
N VAL A 313 19.82 -4.49 10.47
CA VAL A 313 18.89 -5.61 10.46
C VAL A 313 19.55 -6.92 10.07
N GLY A 314 20.89 -6.95 9.99
CA GLY A 314 21.58 -8.20 9.77
C GLY A 314 21.55 -8.72 8.36
N VAL A 315 21.33 -7.85 7.37
CA VAL A 315 21.27 -8.25 5.96
C VAL A 315 22.53 -7.76 5.28
N LYS A 316 23.36 -8.70 4.83
CA LYS A 316 24.58 -8.38 4.09
C LYS A 316 24.40 -8.61 2.60
N ILE B 1 -3.94 -7.27 2.76
CA ILE B 1 -3.15 -6.55 3.77
C ILE B 1 -2.53 -7.49 4.80
N ILE B 2 -3.19 -8.61 5.12
CA ILE B 2 -2.67 -9.58 6.06
C ILE B 2 -2.74 -10.96 5.44
N GLY B 3 -2.04 -11.90 6.09
CA GLY B 3 -1.98 -13.27 5.61
C GLY B 3 -3.30 -14.01 5.64
#